data_4FVT
#
_entry.id   4FVT
#
_cell.length_a   77.430
_cell.length_b   131.050
_cell.length_c   77.320
_cell.angle_alpha   90.00
_cell.angle_beta   90.00
_cell.angle_gamma   90.00
#
_symmetry.space_group_name_H-M   'C 2 2 21'
#
loop_
_entity.id
_entity.type
_entity.pdbx_description
1 polymer 'NAD-dependent protein deacetylase sirtuin-3, mitochondrial'
2 polymer 'Acetylated ACS2 peptide'
3 non-polymer CARBA-NICOTINAMIDE-ADENINE-DINUCLEOTIDE
4 non-polymer 'SULFATE ION'
5 non-polymer 'ZINC ION'
6 non-polymer GLYCEROL
7 water water
#
loop_
_entity_poly.entity_id
_entity_poly.type
_entity_poly.pdbx_seq_one_letter_code
_entity_poly.pdbx_strand_id
1 'polypeptide(L)'
;KLSLQDVAELIRARACQRVVVMVGAGISTPSGIPDFRSPGSGLYSNLQQYDLPYPEAIFELPFFFHNPKPFFTLAKELYP
GNYKPNVTHYFLRLLHDKGLLLRLYTQNIDGLERVSGIPASKLVEAHGTFASATCTVCQRPFPGEDIRADVMADRVPRCP
VCTGVVKPDIVFFGEPLPQRFLLHVVDFPMADLLLILGTSLEVEPFASLTEAVRSSVPRLLINRDLVGPLAWHPRSRDVA
QLGDVVHGVESLVELLGWTEEMRDLVQRETGKLD
;
A
2 'polypeptide(L)' SG(ALY)V(NLE) B
#
loop_
_chem_comp.id
_chem_comp.type
_chem_comp.name
_chem_comp.formula
CNA non-polymer CARBA-NICOTINAMIDE-ADENINE-DINUCLEOTIDE 'C22 H30 N7 O13 P2 1'
GOL non-polymer GLYCEROL 'C3 H8 O3'
SO4 non-polymer 'SULFATE ION' 'O4 S -2'
ZN non-polymer 'ZINC ION' 'Zn 2'
#
# COMPACT_ATOMS: atom_id res chain seq x y z
N LYS A 1 -5.29 -27.18 -10.67
CA LYS A 1 -5.14 -26.08 -9.71
C LYS A 1 -4.08 -26.40 -8.66
N LEU A 2 -3.28 -25.40 -8.27
CA LEU A 2 -2.30 -25.59 -7.20
C LEU A 2 -2.84 -25.16 -5.84
N SER A 3 -2.04 -25.40 -4.80
CA SER A 3 -2.42 -25.09 -3.43
C SER A 3 -1.41 -24.15 -2.74
N LEU A 4 -1.83 -23.56 -1.62
CA LEU A 4 -0.93 -22.75 -0.83
C LEU A 4 0.38 -23.49 -0.59
N GLN A 5 0.26 -24.74 -0.15
CA GLN A 5 1.40 -25.61 0.12
C GLN A 5 2.27 -25.82 -1.13
N ASP A 6 1.64 -25.87 -2.30
CA ASP A 6 2.39 -26.01 -3.54
C ASP A 6 3.30 -24.82 -3.73
N VAL A 7 2.73 -23.62 -3.64
CA VAL A 7 3.48 -22.38 -3.80
C VAL A 7 4.64 -22.31 -2.81
N ALA A 8 4.34 -22.63 -1.55
CA ALA A 8 5.36 -22.67 -0.52
C ALA A 8 6.50 -23.58 -0.97
N GLU A 9 6.14 -24.73 -1.53
CA GLU A 9 7.15 -25.68 -2.01
C GLU A 9 8.01 -25.11 -3.17
N LEU A 10 7.37 -24.38 -4.08
CA LEU A 10 8.10 -23.74 -5.17
C LEU A 10 9.15 -22.76 -4.65
N ILE A 11 8.84 -22.10 -3.54
CA ILE A 11 9.77 -21.17 -2.94
C ILE A 11 10.88 -21.89 -2.19
N ARG A 12 10.49 -22.87 -1.36
CA ARG A 12 11.47 -23.69 -0.67
C ARG A 12 12.42 -24.40 -1.64
N ALA A 13 11.92 -24.78 -2.81
CA ALA A 13 12.73 -25.51 -3.79
C ALA A 13 13.44 -24.59 -4.77
N ARG A 14 13.23 -23.29 -4.63
CA ARG A 14 13.81 -22.28 -5.52
C ARG A 14 13.37 -22.39 -6.98
N ALA A 15 12.17 -22.88 -7.21
CA ALA A 15 11.55 -22.78 -8.52
C ALA A 15 11.25 -21.32 -8.84
N CYS A 16 10.70 -20.59 -7.86
CA CYS A 16 10.37 -19.18 -8.03
C CYS A 16 11.28 -18.31 -7.18
N GLN A 17 12.23 -17.62 -7.81
CA GLN A 17 13.14 -16.73 -7.09
C GLN A 17 12.88 -15.21 -7.18
N ARG A 18 11.88 -14.81 -7.96
CA ARG A 18 11.62 -13.37 -8.10
C ARG A 18 10.13 -13.08 -7.94
N VAL A 19 9.78 -12.49 -6.82
CA VAL A 19 8.38 -12.32 -6.48
C VAL A 19 8.01 -10.86 -6.59
N VAL A 20 6.98 -10.57 -7.37
CA VAL A 20 6.39 -9.25 -7.37
C VAL A 20 5.17 -9.25 -6.44
N VAL A 21 5.03 -8.18 -5.66
CA VAL A 21 3.93 -8.14 -4.72
C VAL A 21 3.04 -6.93 -4.93
N MET A 22 1.74 -7.19 -5.02
CA MET A 22 0.76 -6.11 -5.05
C MET A 22 -0.05 -6.11 -3.75
N VAL A 23 -0.10 -4.95 -3.10
CA VAL A 23 -0.88 -4.83 -1.86
C VAL A 23 -1.77 -3.60 -1.81
N GLY A 24 -2.73 -3.64 -0.89
CA GLY A 24 -3.74 -2.60 -0.76
C GLY A 24 -4.19 -2.43 0.68
N ALA A 25 -5.26 -1.66 0.87
CA ALA A 25 -5.76 -1.27 2.19
C ALA A 25 -5.97 -2.45 3.14
N GLY A 26 -6.36 -3.60 2.61
CA GLY A 26 -6.54 -4.79 3.43
C GLY A 26 -5.36 -5.19 4.31
N ILE A 27 -4.14 -4.89 3.89
CA ILE A 27 -3.00 -5.33 4.67
C ILE A 27 -2.71 -4.38 5.83
N SER A 28 -3.29 -3.18 5.80
CA SER A 28 -3.14 -2.23 6.90
C SER A 28 -4.26 -2.15 7.96
N THR A 29 -5.40 -2.77 7.71
CA THR A 29 -6.44 -2.76 8.73
C THR A 29 -6.03 -3.39 10.08
N PRO A 30 -5.21 -4.47 10.05
CA PRO A 30 -4.76 -5.05 11.32
C PRO A 30 -3.90 -4.10 12.15
N SER A 31 -3.31 -3.10 11.52
CA SER A 31 -2.58 -2.06 12.23
C SER A 31 -3.55 -1.04 12.80
N GLY A 32 -4.83 -1.17 12.45
CA GLY A 32 -5.84 -0.30 13.01
C GLY A 32 -6.10 0.95 12.17
N ILE A 33 -5.83 0.86 10.89
CA ILE A 33 -6.20 1.91 9.97
C ILE A 33 -7.47 1.47 9.24
N PRO A 34 -8.55 2.25 9.36
CA PRO A 34 -9.81 1.94 8.66
C PRO A 34 -9.68 2.14 7.15
N ASP A 35 -10.60 1.52 6.39
CA ASP A 35 -10.61 1.72 4.94
C ASP A 35 -11.85 2.48 4.39
N PHE A 36 -13.02 1.84 4.37
CA PHE A 36 -14.16 2.27 3.54
C PHE A 36 -14.90 3.56 3.93
N ARG A 37 -14.57 4.13 5.09
CA ARG A 37 -15.34 5.23 5.67
C ARG A 37 -16.73 4.75 6.04
N SER A 38 -17.01 3.49 5.67
CA SER A 38 -18.12 2.76 6.24
C SER A 38 -18.06 2.83 7.77
N PRO A 39 -16.88 2.53 8.35
CA PRO A 39 -16.79 2.36 9.80
C PRO A 39 -17.24 3.57 10.62
N GLY A 40 -17.95 3.32 11.71
CA GLY A 40 -17.99 4.28 12.80
C GLY A 40 -16.57 4.24 13.35
N SER A 41 -15.90 5.38 13.33
CA SER A 41 -14.44 5.41 13.50
C SER A 41 -14.00 6.66 14.24
N GLY A 42 -12.75 6.67 14.71
CA GLY A 42 -12.13 7.90 15.17
C GLY A 42 -11.99 8.83 13.97
N LEU A 43 -11.79 8.23 12.80
CA LEU A 43 -11.70 8.95 11.52
C LEU A 43 -13.04 9.49 11.03
N TYR A 44 -14.03 8.60 10.91
CA TYR A 44 -15.32 8.95 10.32
C TYR A 44 -16.06 10.02 11.11
N SER A 45 -15.93 9.97 12.43
CA SER A 45 -16.52 10.98 13.33
C SER A 45 -15.80 12.34 13.26
N ASN A 46 -14.48 12.30 13.05
CA ASN A 46 -13.68 13.51 12.87
C ASN A 46 -14.03 14.21 11.54
N LEU A 47 -14.14 13.41 10.47
CA LEU A 47 -14.50 13.92 9.15
C LEU A 47 -16.00 14.27 9.08
N GLN A 48 -16.76 13.72 10.02
CA GLN A 48 -18.20 13.95 10.12
C GLN A 48 -18.55 15.44 10.11
N GLN A 49 -17.92 16.17 11.02
CA GLN A 49 -18.06 17.62 11.09
C GLN A 49 -17.81 18.27 9.74
N TYR A 50 -16.78 17.79 9.04
CA TYR A 50 -16.29 18.40 7.80
C TYR A 50 -17.27 18.28 6.63
N ASP A 51 -18.18 17.32 6.71
CA ASP A 51 -19.22 17.20 5.71
C ASP A 51 -18.70 16.95 4.28
N LEU A 52 -17.74 16.03 4.16
CA LEU A 52 -17.43 15.45 2.86
C LEU A 52 -18.77 14.95 2.31
N PRO A 53 -19.12 15.40 1.10
CA PRO A 53 -20.34 14.88 0.47
C PRO A 53 -20.19 13.39 0.14
N TYR A 54 -18.96 12.89 0.12
CA TYR A 54 -18.73 11.46 -0.13
C TYR A 54 -17.23 11.20 -0.01
N PRO A 55 -16.85 9.93 0.23
CA PRO A 55 -15.47 9.59 0.59
C PRO A 55 -14.45 9.98 -0.47
N GLU A 56 -14.73 9.71 -1.75
CA GLU A 56 -13.85 10.05 -2.85
C GLU A 56 -13.40 11.52 -2.80
N ALA A 57 -14.23 12.41 -2.24
CA ALA A 57 -13.98 13.85 -2.24
C ALA A 57 -12.66 14.21 -1.56
N ILE A 58 -12.27 13.39 -0.59
CA ILE A 58 -11.05 13.63 0.16
C ILE A 58 -9.80 13.61 -0.73
N PHE A 59 -9.86 12.85 -1.83
CA PHE A 59 -8.82 12.75 -2.88
C PHE A 59 -9.10 13.55 -4.18
N GLU A 60 -10.06 14.45 -4.10
CA GLU A 60 -10.44 15.22 -5.26
C GLU A 60 -9.93 16.68 -5.24
N LEU A 61 -9.17 17.06 -6.27
CA LEU A 61 -8.61 18.41 -6.35
C LEU A 61 -9.57 19.59 -6.17
N PRO A 62 -10.74 19.54 -6.83
CA PRO A 62 -11.65 20.69 -6.66
C PRO A 62 -12.13 20.85 -5.21
N PHE A 63 -12.39 19.74 -4.55
CA PHE A 63 -12.82 19.80 -3.18
C PHE A 63 -11.68 20.24 -2.22
N PHE A 64 -10.49 19.69 -2.45
CA PHE A 64 -9.32 20.07 -1.71
C PHE A 64 -9.05 21.59 -1.74
N PHE A 65 -9.17 22.19 -2.92
CA PHE A 65 -8.89 23.62 -3.06
C PHE A 65 -9.98 24.49 -2.47
N HIS A 66 -11.19 23.95 -2.43
CA HIS A 66 -12.29 24.60 -1.78
C HIS A 66 -12.12 24.48 -0.25
N ASN A 67 -11.82 23.28 0.23
CA ASN A 67 -11.63 23.05 1.65
C ASN A 67 -10.58 21.99 1.99
N PRO A 68 -9.31 22.40 2.13
CA PRO A 68 -8.23 21.43 2.38
C PRO A 68 -8.29 20.76 3.75
N LYS A 69 -9.10 21.30 4.66
CA LYS A 69 -9.07 20.82 6.05
C LYS A 69 -9.45 19.33 6.25
N PRO A 70 -10.52 18.85 5.60
CA PRO A 70 -10.81 17.40 5.75
C PRO A 70 -9.65 16.50 5.34
N PHE A 71 -8.93 16.85 4.28
CA PHE A 71 -7.78 16.08 3.84
C PHE A 71 -6.59 16.18 4.84
N PHE A 72 -6.42 17.34 5.48
CA PHE A 72 -5.30 17.48 6.42
C PHE A 72 -5.56 16.78 7.74
N THR A 73 -6.83 16.64 8.08
CA THR A 73 -7.27 15.75 9.16
C THR A 73 -6.82 14.32 8.87
N LEU A 74 -7.08 13.83 7.67
CA LEU A 74 -6.59 12.51 7.29
C LEU A 74 -5.06 12.44 7.37
N ALA A 75 -4.41 13.49 6.88
CA ALA A 75 -2.96 13.55 6.92
C ALA A 75 -2.45 13.46 8.37
N LYS A 76 -3.06 14.21 9.29
CA LYS A 76 -2.67 14.16 10.69
C LYS A 76 -2.63 12.72 11.20
N GLU A 77 -3.68 11.95 10.91
CA GLU A 77 -3.73 10.56 11.31
C GLU A 77 -2.66 9.66 10.69
N LEU A 78 -2.32 9.89 9.43
CA LEU A 78 -1.49 8.93 8.70
C LEU A 78 -0.02 9.30 8.78
N TYR A 79 0.26 10.44 9.38
CA TYR A 79 1.62 10.93 9.39
C TYR A 79 2.49 9.92 10.15
N PRO A 80 3.72 9.70 9.67
CA PRO A 80 4.58 8.68 10.25
C PRO A 80 4.64 8.83 11.77
N GLY A 81 4.71 7.70 12.45
CA GLY A 81 4.77 7.67 13.89
C GLY A 81 3.46 7.30 14.57
N ASN A 82 2.33 7.51 13.90
CA ASN A 82 1.06 7.18 14.55
C ASN A 82 0.69 5.67 14.52
N TYR A 83 0.97 4.99 13.41
CA TYR A 83 0.61 3.58 13.27
C TYR A 83 1.85 2.74 13.07
N LYS A 84 1.74 1.45 13.36
CA LYS A 84 2.90 0.55 13.22
C LYS A 84 2.64 -0.54 12.20
N PRO A 85 3.71 -1.01 11.53
CA PRO A 85 3.52 -2.13 10.61
C PRO A 85 3.02 -3.35 11.36
N ASN A 86 2.36 -4.27 10.67
CA ASN A 86 1.93 -5.52 11.28
C ASN A 86 2.63 -6.69 10.58
N VAL A 87 2.27 -7.92 10.95
CA VAL A 87 3.01 -9.09 10.49
C VAL A 87 3.06 -9.20 8.98
N THR A 88 2.00 -8.72 8.32
CA THR A 88 1.97 -8.76 6.86
C THR A 88 3.11 -7.92 6.28
N HIS A 89 3.31 -6.73 6.85
CA HIS A 89 4.42 -5.89 6.44
C HIS A 89 5.74 -6.60 6.76
N TYR A 90 5.85 -7.18 7.96
CA TYR A 90 7.10 -7.82 8.33
C TYR A 90 7.39 -9.04 7.47
N PHE A 91 6.34 -9.72 7.04
CA PHE A 91 6.49 -10.83 6.13
C PHE A 91 7.14 -10.37 4.83
N LEU A 92 6.62 -9.28 4.26
CA LEU A 92 7.20 -8.72 3.05
C LEU A 92 8.67 -8.36 3.25
N ARG A 93 8.98 -7.83 4.44
CA ARG A 93 10.33 -7.43 4.80
C ARG A 93 11.25 -8.63 4.85
N LEU A 94 10.75 -9.72 5.42
CA LEU A 94 11.49 -10.98 5.44
C LEU A 94 11.73 -11.48 4.02
N LEU A 95 10.70 -11.35 3.17
CA LEU A 95 10.79 -11.77 1.78
C LEU A 95 11.96 -11.05 1.09
N HIS A 96 12.17 -9.77 1.40
CA HIS A 96 13.30 -9.04 0.86
C HIS A 96 14.63 -9.48 1.49
N ASP A 97 14.62 -9.68 2.81
CA ASP A 97 15.80 -10.07 3.55
C ASP A 97 16.38 -11.40 3.04
N LYS A 98 15.54 -12.23 2.43
CA LYS A 98 15.94 -13.52 1.92
C LYS A 98 16.25 -13.53 0.41
N GLY A 99 16.21 -12.37 -0.22
CA GLY A 99 16.50 -12.27 -1.65
C GLY A 99 15.35 -12.54 -2.62
N LEU A 100 14.16 -12.76 -2.09
CA LEU A 100 13.02 -13.10 -2.94
C LEU A 100 12.30 -11.95 -3.63
N LEU A 101 12.47 -10.74 -3.11
CA LEU A 101 11.60 -9.64 -3.54
C LEU A 101 12.15 -8.89 -4.74
N LEU A 102 11.47 -9.07 -5.87
CA LEU A 102 11.79 -8.27 -7.03
C LEU A 102 11.32 -6.83 -6.80
N ARG A 103 10.02 -6.65 -6.57
CA ARG A 103 9.45 -5.34 -6.32
C ARG A 103 8.16 -5.40 -5.53
N LEU A 104 7.95 -4.42 -4.64
CA LEU A 104 6.67 -4.31 -3.94
C LEU A 104 5.84 -3.10 -4.38
N TYR A 105 4.69 -3.40 -4.99
CA TYR A 105 3.76 -2.37 -5.42
C TYR A 105 2.62 -2.14 -4.40
N THR A 106 2.56 -0.95 -3.82
CA THR A 106 1.50 -0.64 -2.84
C THR A 106 0.59 0.50 -3.27
N GLN A 107 -0.70 0.35 -3.03
CA GLN A 107 -1.65 1.46 -3.18
C GLN A 107 -1.79 2.26 -1.89
N ASN A 108 -1.26 1.73 -0.79
CA ASN A 108 -1.43 2.36 0.51
C ASN A 108 -0.61 3.61 0.60
N ILE A 109 -1.18 4.61 1.26
CA ILE A 109 -0.49 5.84 1.55
C ILE A 109 0.03 5.95 3.01
N ASP A 110 -0.15 4.91 3.81
CA ASP A 110 0.29 4.93 5.22
C ASP A 110 1.81 4.85 5.45
N GLY A 111 2.55 4.52 4.40
CA GLY A 111 3.99 4.48 4.49
C GLY A 111 4.56 3.37 5.35
N LEU A 112 3.76 2.35 5.64
CA LEU A 112 4.19 1.33 6.56
C LEU A 112 5.18 0.33 5.96
N GLU A 113 5.18 0.20 4.64
CA GLU A 113 6.19 -0.61 3.98
C GLU A 113 7.58 -0.05 4.27
N ARG A 114 7.75 1.26 4.08
CA ARG A 114 9.03 1.86 4.34
C ARG A 114 9.40 1.71 5.82
N VAL A 115 8.43 1.97 6.71
CA VAL A 115 8.66 1.91 8.15
C VAL A 115 9.08 0.52 8.61
N SER A 116 8.53 -0.52 7.98
CA SER A 116 8.92 -1.90 8.31
C SER A 116 10.39 -2.24 7.95
N GLY A 117 11.05 -1.39 7.18
CA GLY A 117 12.44 -1.59 6.83
C GLY A 117 12.72 -1.97 5.38
N ILE A 118 11.67 -2.02 4.56
CA ILE A 118 11.84 -2.31 3.14
C ILE A 118 12.46 -1.11 2.41
N PRO A 119 13.58 -1.34 1.69
CA PRO A 119 14.23 -0.24 0.97
C PRO A 119 13.35 0.41 -0.10
N ALA A 120 13.58 1.70 -0.31
CA ALA A 120 12.82 2.48 -1.28
C ALA A 120 12.99 1.89 -2.69
N SER A 121 14.21 1.43 -2.97
CA SER A 121 14.54 0.94 -4.30
C SER A 121 13.70 -0.28 -4.66
N LYS A 122 13.24 -1.00 -3.64
CA LYS A 122 12.42 -2.18 -3.86
C LYS A 122 10.91 -1.85 -3.89
N LEU A 123 10.57 -0.61 -3.51
CA LEU A 123 9.20 -0.18 -3.32
C LEU A 123 8.69 0.68 -4.45
N VAL A 124 7.48 0.41 -4.92
CA VAL A 124 6.80 1.39 -5.75
C VAL A 124 5.57 1.91 -5.02
N GLU A 125 5.62 3.15 -4.52
CA GLU A 125 4.42 3.67 -3.89
C GLU A 125 3.55 4.38 -4.93
N ALA A 126 2.54 3.69 -5.40
CA ALA A 126 1.82 4.07 -6.60
C ALA A 126 0.83 5.22 -6.39
N HIS A 127 0.35 5.37 -5.16
CA HIS A 127 -0.56 6.47 -4.81
C HIS A 127 0.14 7.61 -4.12
N GLY A 128 1.47 7.51 -4.08
CA GLY A 128 2.30 8.55 -3.52
C GLY A 128 2.64 8.32 -2.06
N THR A 129 3.02 9.41 -1.41
CA THR A 129 3.66 9.37 -0.10
C THR A 129 3.51 10.68 0.67
N PHE A 130 3.55 10.60 1.99
CA PHE A 130 3.64 11.78 2.85
C PHE A 130 5.10 12.16 3.18
N ALA A 131 6.06 11.44 2.62
CA ALA A 131 7.47 11.74 2.87
C ALA A 131 7.92 13.10 2.29
N SER A 132 7.20 13.58 1.28
CA SER A 132 7.51 14.88 0.69
C SER A 132 6.24 15.62 0.32
N ALA A 133 6.35 16.92 0.08
CA ALA A 133 5.21 17.72 -0.35
C ALA A 133 5.60 18.76 -1.42
N THR A 134 4.59 19.36 -2.06
CA THR A 134 4.82 20.35 -3.11
C THR A 134 3.88 21.53 -2.92
N CYS A 135 4.38 22.72 -3.21
CA CYS A 135 3.49 23.87 -3.23
C CYS A 135 2.57 23.78 -4.44
N THR A 136 1.27 23.95 -4.22
CA THR A 136 0.28 23.83 -5.27
C THR A 136 0.36 25.00 -6.24
N VAL A 137 0.96 26.10 -5.80
CA VAL A 137 1.10 27.29 -6.65
C VAL A 137 2.44 27.34 -7.43
N CYS A 138 3.57 27.35 -6.72
CA CYS A 138 4.88 27.54 -7.36
C CYS A 138 5.62 26.22 -7.68
N GLN A 139 5.06 25.09 -7.26
CA GLN A 139 5.70 23.80 -7.51
C GLN A 139 7.01 23.52 -6.71
N ARG A 140 7.43 24.45 -5.84
CA ARG A 140 8.56 24.18 -4.93
C ARG A 140 8.34 22.93 -4.07
N PRO A 141 9.31 22.00 -4.09
CA PRO A 141 9.32 20.76 -3.29
C PRO A 141 9.79 20.93 -1.83
N PHE A 142 9.23 20.14 -0.94
CA PHE A 142 9.56 20.18 0.48
C PHE A 142 9.55 18.77 1.04
N PRO A 143 10.47 18.50 1.98
CA PRO A 143 10.46 17.23 2.70
C PRO A 143 9.23 17.25 3.60
N GLY A 144 8.71 16.09 3.96
CA GLY A 144 7.47 16.01 4.72
C GLY A 144 7.56 16.69 6.07
N GLU A 145 8.74 16.68 6.68
CA GLU A 145 8.95 17.25 8.01
C GLU A 145 8.76 18.77 8.09
N ASP A 146 8.90 19.44 6.95
CA ASP A 146 8.77 20.89 6.89
C ASP A 146 7.36 21.35 7.16
N ILE A 147 6.40 20.46 6.87
CA ILE A 147 5.01 20.77 7.14
C ILE A 147 4.44 20.06 8.37
N ARG A 148 5.26 19.24 9.01
CA ARG A 148 4.81 18.45 10.15
C ARG A 148 4.10 19.26 11.25
N ALA A 149 4.72 20.35 11.67
CA ALA A 149 4.19 21.18 12.76
C ALA A 149 2.80 21.69 12.45
N ASP A 150 2.66 22.33 11.30
CA ASP A 150 1.35 22.80 10.84
C ASP A 150 0.30 21.70 10.91
N VAL A 151 0.66 20.53 10.37
CA VAL A 151 -0.24 19.40 10.28
C VAL A 151 -0.72 18.91 11.65
N MET A 152 0.20 18.76 12.59
CA MET A 152 -0.18 18.34 13.94
C MET A 152 -1.02 19.40 14.66
N ALA A 153 -0.78 20.67 14.34
CA ALA A 153 -1.47 21.78 15.01
C ALA A 153 -2.78 22.18 14.33
N ASP A 154 -3.16 21.41 13.29
CA ASP A 154 -4.35 21.71 12.50
C ASP A 154 -4.27 23.02 11.71
N ARG A 155 -3.08 23.44 11.33
CA ARG A 155 -2.99 24.60 10.46
C ARG A 155 -2.70 24.12 9.03
N VAL A 156 -3.43 24.67 8.06
CA VAL A 156 -3.08 24.40 6.67
C VAL A 156 -1.64 24.86 6.34
N PRO A 157 -0.77 23.91 5.91
CA PRO A 157 0.60 24.29 5.54
C PRO A 157 0.66 25.20 4.31
N ARG A 158 1.31 26.35 4.48
CA ARG A 158 1.42 27.37 3.43
C ARG A 158 2.88 27.55 2.97
N CYS A 159 3.06 27.79 1.67
CA CYS A 159 4.39 27.96 1.09
C CYS A 159 5.12 29.18 1.67
N PRO A 160 6.33 28.97 2.23
CA PRO A 160 7.11 30.10 2.76
C PRO A 160 7.52 31.13 1.71
N VAL A 161 7.55 30.75 0.44
CA VAL A 161 7.91 31.70 -0.61
C VAL A 161 6.72 32.49 -1.21
N CYS A 162 5.73 31.76 -1.77
CA CYS A 162 4.48 32.35 -2.35
C CYS A 162 3.17 32.31 -1.51
N THR A 163 3.21 31.73 -0.29
CA THR A 163 2.00 31.53 0.54
C THR A 163 0.99 30.52 0.02
N GLY A 164 1.25 29.91 -1.14
CA GLY A 164 0.41 28.84 -1.62
C GLY A 164 0.27 27.63 -0.71
N VAL A 165 -0.86 26.93 -0.79
CA VAL A 165 -1.08 25.73 -0.01
C VAL A 165 -0.07 24.63 -0.39
N VAL A 166 0.59 24.05 0.61
CA VAL A 166 1.56 22.98 0.35
C VAL A 166 0.90 21.62 0.50
N LYS A 167 0.88 20.86 -0.58
CA LYS A 167 0.21 19.56 -0.59
C LYS A 167 1.20 18.39 -0.58
N PRO A 168 1.03 17.48 0.41
CA PRO A 168 1.78 16.21 0.41
C PRO A 168 1.61 15.51 -0.95
N ASP A 169 2.62 14.73 -1.30
CA ASP A 169 2.75 14.17 -2.65
C ASP A 169 1.83 12.94 -2.88
N ILE A 170 0.73 12.86 -2.11
CA ILE A 170 -0.37 11.94 -2.43
C ILE A 170 -1.01 12.17 -3.81
N VAL A 171 -1.25 11.08 -4.53
CA VAL A 171 -1.91 11.15 -5.84
C VAL A 171 -3.43 11.33 -5.70
N PHE A 172 -3.95 12.43 -6.25
CA PHE A 172 -5.40 12.63 -6.26
C PHE A 172 -6.06 12.00 -7.46
N PHE A 173 -7.38 11.99 -7.51
CA PHE A 173 -8.06 11.37 -8.64
C PHE A 173 -7.88 12.18 -9.90
N GLY A 174 -7.71 11.47 -11.00
CA GLY A 174 -7.42 12.13 -12.26
C GLY A 174 -5.96 12.48 -12.44
N GLU A 175 -5.14 12.28 -11.41
CA GLU A 175 -3.71 12.52 -11.59
C GLU A 175 -3.00 11.22 -12.05
N PRO A 176 -1.96 11.35 -12.87
CA PRO A 176 -1.19 10.18 -13.27
C PRO A 176 -0.37 9.66 -12.09
N LEU A 177 0.05 8.41 -12.17
CA LEU A 177 0.82 7.80 -11.10
C LEU A 177 2.26 8.28 -11.13
N PRO A 178 2.99 8.13 -10.02
CA PRO A 178 4.38 8.60 -10.03
C PRO A 178 5.20 7.87 -11.11
N GLN A 179 6.36 8.41 -11.47
CA GLN A 179 7.12 7.82 -12.57
C GLN A 179 7.68 6.40 -12.28
N ARG A 180 8.08 6.14 -11.04
CA ARG A 180 8.53 4.79 -10.66
C ARG A 180 7.47 3.76 -11.00
N PHE A 181 6.22 4.17 -11.11
CA PHE A 181 5.19 3.20 -11.44
C PHE A 181 5.45 2.51 -12.78
N LEU A 182 6.30 3.13 -13.61
CA LEU A 182 6.59 2.61 -14.94
C LEU A 182 7.55 1.41 -14.93
N LEU A 183 8.14 1.13 -13.78
CA LEU A 183 9.00 -0.04 -13.61
C LEU A 183 8.20 -1.29 -13.90
N HIS A 184 6.89 -1.17 -13.95
CA HIS A 184 6.08 -2.37 -14.07
C HIS A 184 6.24 -3.00 -15.45
N VAL A 185 6.79 -2.25 -16.39
CA VAL A 185 7.02 -2.77 -17.74
C VAL A 185 8.16 -3.79 -17.73
N VAL A 186 9.22 -3.48 -17.00
CA VAL A 186 10.31 -4.41 -16.78
C VAL A 186 9.88 -5.50 -15.81
N ASP A 187 9.30 -5.07 -14.70
CA ASP A 187 9.12 -5.91 -13.52
C ASP A 187 8.24 -7.11 -13.75
N PHE A 188 7.10 -6.86 -14.37
CA PHE A 188 6.08 -7.88 -14.44
C PHE A 188 6.42 -9.05 -15.35
N PRO A 189 6.98 -8.79 -16.53
CA PRO A 189 7.49 -9.88 -17.37
C PRO A 189 8.63 -10.64 -16.69
N MET A 190 9.51 -9.93 -16.00
CA MET A 190 10.61 -10.57 -15.28
C MET A 190 10.17 -11.43 -14.09
N ALA A 191 8.90 -11.37 -13.71
CA ALA A 191 8.46 -11.98 -12.46
C ALA A 191 8.06 -13.45 -12.61
N ASP A 192 8.59 -14.30 -11.72
CA ASP A 192 8.18 -15.70 -11.69
C ASP A 192 7.13 -16.07 -10.64
N LEU A 193 6.73 -15.11 -9.80
CA LEU A 193 5.57 -15.30 -8.93
C LEU A 193 4.93 -13.95 -8.59
N LEU A 194 3.60 -13.91 -8.59
CA LEU A 194 2.87 -12.68 -8.25
C LEU A 194 2.10 -12.90 -6.95
N LEU A 195 2.25 -11.97 -6.01
CA LEU A 195 1.50 -12.04 -4.75
C LEU A 195 0.57 -10.86 -4.65
N ILE A 196 -0.69 -11.12 -4.31
CA ILE A 196 -1.69 -10.08 -4.19
C ILE A 196 -2.36 -10.14 -2.82
N LEU A 197 -2.19 -9.10 -2.02
CA LEU A 197 -2.65 -9.09 -0.64
C LEU A 197 -3.53 -7.89 -0.33
N GLY A 198 -4.72 -8.17 0.17
CA GLY A 198 -5.56 -7.16 0.79
C GLY A 198 -5.95 -6.03 -0.11
N THR A 199 -6.48 -6.37 -1.29
CA THR A 199 -6.85 -5.35 -2.26
C THR A 199 -8.10 -5.71 -3.06
N SER A 200 -8.94 -4.72 -3.30
CA SER A 200 -10.16 -4.90 -4.10
C SER A 200 -9.87 -4.95 -5.60
N LEU A 201 -8.78 -4.30 -6.00
CA LEU A 201 -8.41 -4.19 -7.42
C LEU A 201 -9.40 -3.31 -8.21
N GLU A 202 -9.91 -2.27 -7.53
CA GLU A 202 -10.78 -1.30 -8.16
C GLU A 202 -10.12 0.02 -8.61
N VAL A 203 -8.84 0.21 -8.30
CA VAL A 203 -8.21 1.48 -8.64
C VAL A 203 -7.13 1.33 -9.72
N GLU A 204 -7.27 2.14 -10.78
CA GLU A 204 -6.49 1.99 -11.99
C GLU A 204 -5.53 3.17 -12.17
N PRO A 205 -4.45 2.95 -12.95
CA PRO A 205 -4.06 1.73 -13.70
C PRO A 205 -3.63 0.55 -12.82
N PHE A 206 -3.37 0.82 -11.53
CA PHE A 206 -2.77 -0.15 -10.63
C PHE A 206 -3.37 -1.54 -10.76
N ALA A 207 -4.69 -1.61 -10.78
CA ALA A 207 -5.37 -2.91 -10.79
C ALA A 207 -4.95 -3.83 -11.94
N SER A 208 -4.82 -3.26 -13.13
CA SER A 208 -4.59 -4.05 -14.34
C SER A 208 -3.28 -4.83 -14.37
N LEU A 209 -2.34 -4.41 -13.51
CA LEU A 209 -1.02 -5.04 -13.42
C LEU A 209 -1.10 -6.56 -13.20
N THR A 210 -2.23 -7.02 -12.68
CA THR A 210 -2.46 -8.43 -12.38
C THR A 210 -2.35 -9.32 -13.61
N GLU A 211 -2.72 -8.77 -14.76
CA GLU A 211 -2.69 -9.54 -16.00
C GLU A 211 -1.30 -9.56 -16.64
N ALA A 212 -0.43 -8.67 -16.17
CA ALA A 212 0.85 -8.40 -16.80
C ALA A 212 1.94 -9.48 -16.67
N VAL A 213 1.68 -10.54 -15.90
CA VAL A 213 2.69 -11.59 -15.82
C VAL A 213 2.43 -12.64 -16.89
N ARG A 214 3.36 -13.58 -17.02
CA ARG A 214 3.27 -14.61 -18.05
C ARG A 214 2.33 -15.73 -17.62
N SER A 215 1.76 -16.45 -18.58
CA SER A 215 0.83 -17.56 -18.34
C SER A 215 1.41 -18.63 -17.39
N SER A 216 2.73 -18.81 -17.46
CA SER A 216 3.44 -19.79 -16.64
C SER A 216 3.51 -19.36 -15.16
N VAL A 217 3.19 -18.10 -14.90
CA VAL A 217 3.37 -17.53 -13.56
C VAL A 217 2.12 -17.65 -12.67
N PRO A 218 2.29 -18.31 -11.52
CA PRO A 218 1.25 -18.46 -10.49
C PRO A 218 0.89 -17.12 -9.86
N ARG A 219 -0.41 -16.85 -9.73
CA ARG A 219 -0.87 -15.65 -9.04
C ARG A 219 -1.60 -16.05 -7.75
N LEU A 220 -0.97 -15.80 -6.61
CA LEU A 220 -1.54 -16.13 -5.29
C LEU A 220 -2.21 -14.92 -4.64
N LEU A 221 -3.52 -15.03 -4.43
CA LEU A 221 -4.31 -14.00 -3.76
C LEU A 221 -4.60 -14.36 -2.29
N ILE A 222 -4.23 -13.47 -1.36
CA ILE A 222 -4.67 -13.60 0.02
C ILE A 222 -5.54 -12.39 0.32
N ASN A 223 -6.85 -12.64 0.43
CA ASN A 223 -7.82 -11.56 0.54
C ASN A 223 -9.08 -12.12 1.18
N ARG A 224 -9.96 -11.26 1.67
CA ARG A 224 -11.26 -11.71 2.20
C ARG A 224 -11.91 -12.65 1.19
N ASP A 225 -11.84 -12.27 -0.09
CA ASP A 225 -12.62 -12.93 -1.13
C ASP A 225 -12.01 -12.73 -2.51
N LEU A 226 -12.49 -13.52 -3.47
CA LEU A 226 -12.19 -13.33 -4.89
C LEU A 226 -12.57 -11.93 -5.40
N VAL A 227 -11.64 -11.29 -6.10
CA VAL A 227 -11.86 -9.96 -6.68
C VAL A 227 -11.20 -9.83 -8.04
N GLY A 228 -11.74 -8.97 -8.88
CA GLY A 228 -11.11 -8.61 -10.14
C GLY A 228 -10.82 -9.78 -11.06
N PRO A 229 -9.81 -9.62 -11.92
CA PRO A 229 -9.43 -10.58 -12.97
C PRO A 229 -9.34 -12.00 -12.45
N LEU A 230 -8.91 -12.13 -11.21
CA LEU A 230 -8.76 -13.43 -10.58
C LEU A 230 -10.12 -14.10 -10.51
N ALA A 231 -11.17 -13.27 -10.47
CA ALA A 231 -12.55 -13.73 -10.48
C ALA A 231 -13.09 -13.78 -11.92
N TRP A 232 -13.22 -12.61 -12.54
CA TRP A 232 -13.78 -12.50 -13.89
C TRP A 232 -13.12 -13.46 -14.88
N HIS A 233 -11.79 -13.44 -14.93
CA HIS A 233 -11.06 -14.12 -15.98
C HIS A 233 -9.83 -14.89 -15.47
N PRO A 234 -10.08 -15.93 -14.65
CA PRO A 234 -9.06 -16.67 -13.90
C PRO A 234 -8.06 -17.37 -14.80
N ARG A 235 -7.08 -18.01 -14.18
CA ARG A 235 -6.03 -18.73 -14.88
C ARG A 235 -5.73 -20.00 -14.10
N SER A 236 -5.03 -20.94 -14.74
CA SER A 236 -4.84 -22.28 -14.18
C SER A 236 -3.96 -22.25 -12.92
N ARG A 237 -2.93 -21.43 -12.95
CA ARG A 237 -1.96 -21.38 -11.87
C ARG A 237 -2.35 -20.38 -10.78
N ASP A 238 -3.56 -19.84 -10.90
CA ASP A 238 -4.15 -18.98 -9.88
C ASP A 238 -4.46 -19.75 -8.59
N VAL A 239 -4.29 -19.07 -7.47
CA VAL A 239 -4.49 -19.66 -6.16
C VAL A 239 -5.14 -18.65 -5.22
N ALA A 240 -6.16 -19.09 -4.49
CA ALA A 240 -6.83 -18.20 -3.55
C ALA A 240 -6.74 -18.73 -2.12
N GLN A 241 -6.18 -17.91 -1.23
CA GLN A 241 -6.31 -18.15 0.20
C GLN A 241 -7.26 -17.07 0.68
N LEU A 242 -8.50 -17.47 0.93
CA LEU A 242 -9.55 -16.53 1.23
C LEU A 242 -9.79 -16.56 2.70
N GLY A 243 -9.87 -15.37 3.29
CA GLY A 243 -10.11 -15.21 4.70
C GLY A 243 -9.35 -14.00 5.16
N ASP A 244 -9.19 -13.90 6.47
CA ASP A 244 -8.41 -12.83 7.05
C ASP A 244 -6.95 -12.90 6.55
N VAL A 245 -6.44 -11.75 6.12
CA VAL A 245 -5.12 -11.64 5.51
C VAL A 245 -3.97 -12.06 6.44
N VAL A 246 -4.04 -11.66 7.71
CA VAL A 246 -3.03 -12.08 8.66
C VAL A 246 -2.97 -13.60 8.84
N HIS A 247 -4.12 -14.25 8.91
CA HIS A 247 -4.14 -15.71 8.95
C HIS A 247 -3.57 -16.34 7.67
N GLY A 248 -3.92 -15.80 6.51
CA GLY A 248 -3.38 -16.27 5.24
C GLY A 248 -1.86 -16.18 5.21
N VAL A 249 -1.35 -15.07 5.73
CA VAL A 249 0.07 -14.82 5.78
C VAL A 249 0.79 -15.73 6.76
N GLU A 250 0.24 -15.84 7.97
CA GLU A 250 0.82 -16.72 8.99
C GLU A 250 0.89 -18.15 8.54
N SER A 251 -0.06 -18.57 7.70
CA SER A 251 -0.12 -19.93 7.20
C SER A 251 1.01 -20.19 6.23
N LEU A 252 1.15 -19.26 5.29
CA LEU A 252 2.20 -19.33 4.31
C LEU A 252 3.55 -19.34 5.01
N VAL A 253 3.75 -18.41 5.94
CA VAL A 253 5.01 -18.33 6.67
C VAL A 253 5.36 -19.68 7.31
N GLU A 254 4.39 -20.29 7.98
CA GLU A 254 4.59 -21.62 8.56
C GLU A 254 4.96 -22.64 7.46
N LEU A 255 4.22 -22.65 6.35
CA LEU A 255 4.55 -23.53 5.23
C LEU A 255 5.95 -23.27 4.68
N LEU A 256 6.42 -22.04 4.81
CA LEU A 256 7.74 -21.70 4.34
C LEU A 256 8.84 -22.05 5.35
N GLY A 257 8.47 -22.37 6.59
CA GLY A 257 9.44 -22.64 7.64
C GLY A 257 10.04 -21.40 8.29
N TRP A 258 9.44 -20.23 8.05
CA TRP A 258 9.99 -18.97 8.57
C TRP A 258 9.37 -18.49 9.87
N THR A 259 8.46 -19.28 10.44
CA THR A 259 7.67 -18.82 11.57
C THR A 259 8.51 -18.23 12.69
N GLU A 260 9.56 -18.95 13.09
CA GLU A 260 10.34 -18.54 14.26
C GLU A 260 11.23 -17.32 14.00
N GLU A 261 11.82 -17.28 12.82
CA GLU A 261 12.58 -16.11 12.37
C GLU A 261 11.67 -14.88 12.24
N MET A 262 10.47 -15.15 11.75
CA MET A 262 9.46 -14.15 11.54
C MET A 262 9.02 -13.49 12.87
N ARG A 263 8.78 -14.31 13.89
CA ARG A 263 8.42 -13.81 15.21
C ARG A 263 9.56 -13.06 15.88
N ASP A 264 10.78 -13.55 15.74
CA ASP A 264 11.93 -12.84 16.31
C ASP A 264 12.05 -11.47 15.68
N LEU A 265 11.85 -11.42 14.36
CA LEU A 265 11.91 -10.18 13.60
C LEU A 265 10.84 -9.17 14.06
N VAL A 266 9.58 -9.59 14.04
CA VAL A 266 8.49 -8.71 14.37
C VAL A 266 8.61 -8.23 15.82
N GLN A 267 8.88 -9.18 16.72
CA GLN A 267 9.07 -8.85 18.13
C GLN A 267 10.09 -7.71 18.29
N ARG A 268 11.27 -7.89 17.70
CA ARG A 268 12.33 -6.90 17.76
C ARG A 268 11.90 -5.55 17.15
N GLU A 269 11.25 -5.59 15.98
CA GLU A 269 10.87 -4.36 15.28
C GLU A 269 9.74 -3.60 15.96
N THR A 270 8.70 -4.33 16.36
CA THR A 270 7.56 -3.70 17.02
C THR A 270 7.93 -3.13 18.39
N GLY A 271 8.68 -3.91 19.17
CA GLY A 271 9.17 -3.45 20.45
C GLY A 271 9.90 -2.11 20.31
N LYS A 272 10.79 -2.03 19.34
CA LYS A 272 11.53 -0.81 19.07
C LYS A 272 10.63 0.41 18.82
N LEU A 273 9.57 0.23 18.04
CA LEU A 273 8.69 1.33 17.61
C LEU A 273 7.79 1.94 18.70
N ASP A 274 7.07 1.09 19.43
CA ASP A 274 6.21 1.56 20.51
C ASP A 274 6.89 1.42 21.88
N SER B 1 -2.34 7.51 -18.14
CA SER B 1 -3.72 7.78 -17.80
C SER B 1 -3.83 8.17 -16.33
N GLY B 2 -4.97 8.76 -15.96
CA GLY B 2 -5.21 9.21 -14.59
C GLY B 2 -5.58 8.12 -13.60
OH ALY B 3 -5.94 6.62 -3.52
CH ALY B 3 -5.34 7.66 -3.75
CH3 ALY B 3 -4.61 8.41 -2.62
NZ ALY B 3 -5.25 8.22 -4.97
CE ALY B 3 -5.91 7.59 -6.14
CD ALY B 3 -5.35 8.16 -7.43
CG ALY B 3 -5.77 7.34 -8.66
CB ALY B 3 -5.15 8.01 -9.92
CA ALY B 3 -5.86 7.56 -11.20
N ALY B 3 -5.43 8.43 -12.31
C ALY B 3 -7.40 7.66 -11.07
O ALY B 3 -7.91 8.80 -10.89
N VAL B 4 -8.11 6.54 -11.17
CA VAL B 4 -9.57 6.55 -11.38
C VAL B 4 -10.26 5.27 -10.89
N NLE B 5 -11.57 5.36 -10.68
CA NLE B 5 -12.35 4.21 -10.21
C NLE B 5 -13.85 4.39 -10.48
O NLE B 5 -14.68 3.62 -9.98
CB NLE B 5 -12.12 3.99 -8.73
CG NLE B 5 -12.87 4.96 -7.83
CD NLE B 5 -12.38 4.86 -6.38
CE NLE B 5 -12.14 3.41 -5.95
PA CNA C . -10.07 -1.18 -0.60
O1A CNA C . -10.85 -0.73 -1.95
O2A CNA C . -10.71 -0.65 0.64
O5B CNA C . -9.91 -2.79 -0.67
C5B CNA C . -9.51 -3.60 0.46
C4B CNA C . -9.76 -5.09 0.13
O4B CNA C . -9.14 -6.03 1.08
C3B CNA C . -11.26 -5.42 0.18
O3B CNA C . -11.48 -6.62 -0.58
C2B CNA C . -11.42 -5.66 1.69
O2B CNA C . -12.62 -6.39 1.98
C1B CNA C . -10.20 -6.53 1.96
N9A CNA C . -9.73 -6.48 3.39
C8A CNA C . -9.76 -5.46 4.25
N7A CNA C . -9.22 -5.89 5.41
C5A CNA C . -8.85 -7.16 5.25
C6A CNA C . -8.28 -8.03 6.09
N6A CNA C . -8.00 -7.58 7.30
N1A CNA C . -8.01 -9.29 5.71
C2A CNA C . -8.32 -9.71 4.41
N3A CNA C . -8.91 -8.78 3.55
C4A CNA C . -9.17 -7.53 4.00
O3 CNA C . -8.56 -0.59 -0.76
PN CNA C . -7.68 -0.82 -2.10
O1N CNA C . -6.18 -0.55 -1.63
O2N CNA C . -7.83 -2.16 -2.72
O5D CNA C . -8.00 0.44 -3.14
C5D CNA C . -7.17 1.61 -3.14
C4D CNA C . -7.88 2.83 -2.51
C4' CNA C . -8.13 2.70 -0.98
C3D CNA C . -6.98 4.08 -2.67
O3D CNA C . -7.80 5.22 -3.11
C2D CNA C . -6.38 4.29 -1.26
O2D CNA C . -5.88 5.63 -1.07
C1D CNA C . -7.60 4.02 -0.37
N1N CNA C . -7.22 3.82 1.05
C2N CNA C . -5.86 3.72 1.46
C3N CNA C . -5.55 3.53 2.82
C7N CNA C . -4.22 3.40 3.26
O7N CNA C . -3.29 3.97 2.68
N7N CNA C . -4.05 2.63 4.34
C4N CNA C . -6.58 3.40 3.75
C5N CNA C . -7.92 3.49 3.37
C6N CNA C . -8.25 3.70 2.03
S SO4 D . -5.71 29.15 6.03
O1 SO4 D . -6.32 28.42 4.91
O2 SO4 D . -5.96 30.58 5.85
O3 SO4 D . -6.27 28.66 7.30
O4 SO4 D . -4.28 28.89 6.05
S SO4 E . 7.08 11.80 -10.06
O1 SO4 E . 6.93 12.95 -10.96
O2 SO4 E . 6.74 10.59 -10.82
O3 SO4 E . 8.47 11.77 -9.58
O4 SO4 E . 6.19 11.93 -8.89
S SO4 F . 16.98 -3.71 12.25
O1 SO4 F . 16.63 -2.90 11.05
O2 SO4 F . 16.22 -4.97 12.28
O3 SO4 F . 18.41 -4.06 12.18
O4 SO4 F . 16.72 -2.99 13.50
ZN ZN G . 4.85 28.32 -3.41
C1 GOL H . 17.63 -7.73 -4.89
O1 GOL H . 18.05 -7.85 -3.54
C2 GOL H . 17.11 -9.04 -5.45
O2 GOL H . 16.63 -9.86 -4.41
C3 GOL H . 16.04 -8.81 -6.54
O3 GOL H . 15.46 -10.04 -7.02
#